data_3OH4
#
_entry.id   3OH4
#
_cell.length_a   107.814
_cell.length_b   121.665
_cell.length_c   61.393
_cell.angle_alpha   90.000
_cell.angle_beta   105.730
_cell.angle_gamma   90.000
#
_symmetry.space_group_name_H-M   'C 1 2 1'
#
loop_
_entity.id
_entity.type
_entity.pdbx_description
1 polymer 'UDP-sugar pyrophosphorylase'
2 non-polymer "URIDINE-5'-DIPHOSPHATE-GLUCOSE"
3 non-polymer GLYCEROL
4 water water
#
_entity_poly.entity_id   1
_entity_poly.type   'polypeptide(L)'
_entity_poly.pdbx_seq_one_letter_code
;MTNPSNSNLQALREELCTPGLDQGHLFEGWPETVDECNERQIALLTDLYMFSNMYPGGVAQYIRNGHELLARESEEVDFA
ALEMPPLIFEAPSLHRRTAERTALENAGTAMLCKTVFVLVAGGLGERLGYSSIKVSLPVETATNTTYLAYYLRWAQRVGG
KEVPFVIMTSDDTHDRTLQLLRELQLEVPNLHVLKQGQVFCFADSAAHLALDETGKLLRKPHGHGDVHSLIYNATVKRDV
VPDSGDGTATAQPLVNDWLAAGYESIVFIQDTNAGATITIPISLALSAEHSLDMNFTCIPRVPKEPIGLLCRTKKNSGDP
WLVANVEYNVFAEVSRALNKDGGDEVSDPTGFSPFPGSVNTLVFKLSSYVDRLRESHGIVPEFINPKYSDETRRSFKKPA
RIESLMQDIALLFSEDDYRVGGTVFERFSYQPVKNSLEEAAGLVAQGNGAYCAATGEAAFYELQRRRLKAIGLPLFYSSQ
PEVTVAKDAFGVRLFPIIVLDTVCASSGSLDDLARVFPTPEKVHIDQHSTLIVEGRVIIESLELYGALTIRGPTDSMALP
HVVRNAVVRNAGWSVHAILSLCAGRDSRLSEVDRIRGFVLKKTAMAVMDCNTKGESEAGAPSGAADPAKLMRRLEHHHHH
H
;
_entity_poly.pdbx_strand_id   A
#
# COMPACT_ATOMS: atom_id res chain seq x y z
N ASN A 3 35.94 -2.32 8.04
CA ASN A 3 35.84 -3.54 7.25
C ASN A 3 36.67 -3.49 5.95
N PRO A 4 36.46 -2.43 5.13
CA PRO A 4 37.17 -2.32 3.86
C PRO A 4 38.60 -1.83 4.05
N SER A 5 39.58 -2.62 3.60
CA SER A 5 40.98 -2.23 3.68
C SER A 5 41.31 -1.15 2.65
N ASN A 6 42.32 -0.33 2.94
CA ASN A 6 42.76 0.69 1.99
C ASN A 6 43.16 0.07 0.66
N SER A 7 43.61 -1.19 0.71
CA SER A 7 44.02 -1.91 -0.47
C SER A 7 42.82 -2.27 -1.35
N ASN A 8 41.79 -2.85 -0.72
CA ASN A 8 40.57 -3.21 -1.44
C ASN A 8 39.92 -2.00 -2.10
N LEU A 9 40.00 -0.86 -1.43
CA LEU A 9 39.40 0.38 -1.94
C LEU A 9 40.06 0.82 -3.25
N GLN A 10 41.38 0.77 -3.28
CA GLN A 10 42.14 1.11 -4.49
C GLN A 10 41.76 0.17 -5.63
N ALA A 11 41.59 -1.11 -5.32
CA ALA A 11 41.18 -2.10 -6.32
C ALA A 11 39.81 -1.77 -6.93
N LEU A 12 38.87 -1.36 -6.09
CA LEU A 12 37.53 -1.03 -6.58
C LEU A 12 37.58 0.24 -7.42
N ARG A 13 38.37 1.21 -6.98
CA ARG A 13 38.58 2.44 -7.74
C ARG A 13 39.09 2.14 -9.15
N GLU A 14 40.11 1.30 -9.24
CA GLU A 14 40.70 0.95 -10.53
C GLU A 14 39.71 0.17 -11.38
N GLU A 15 38.97 -0.73 -10.75
CA GLU A 15 37.97 -1.51 -11.47
C GLU A 15 36.93 -0.59 -12.12
N LEU A 16 36.47 0.39 -11.35
CA LEU A 16 35.42 1.28 -11.80
C LEU A 16 35.87 2.24 -12.90
N CYS A 17 37.17 2.26 -13.19
CA CYS A 17 37.70 3.11 -14.25
C CYS A 17 37.85 2.36 -15.57
N THR A 18 37.70 1.04 -15.52
CA THR A 18 37.90 0.22 -16.71
C THR A 18 36.76 0.36 -17.72
N PRO A 19 37.04 0.07 -19.00
CA PRO A 19 36.05 0.16 -20.07
C PRO A 19 34.81 -0.66 -19.75
N GLY A 20 33.63 -0.06 -19.90
CA GLY A 20 32.39 -0.75 -19.59
C GLY A 20 31.84 -0.31 -18.25
N LEU A 21 32.71 0.21 -17.40
CA LEU A 21 32.29 0.79 -16.13
C LEU A 21 32.48 2.30 -16.16
N ASP A 22 33.69 2.71 -16.55
CA ASP A 22 33.96 4.10 -16.91
C ASP A 22 33.47 5.14 -15.92
N GLN A 23 33.83 4.99 -14.65
CA GLN A 23 33.43 5.92 -13.62
C GLN A 23 34.61 6.80 -13.21
N GLY A 24 35.45 7.16 -14.17
CA GLY A 24 36.62 7.97 -13.90
C GLY A 24 36.31 9.36 -13.40
N HIS A 25 35.13 9.88 -13.77
CA HIS A 25 34.75 11.23 -13.41
C HIS A 25 34.55 11.39 -11.91
N LEU A 26 34.42 10.28 -11.20
CA LEU A 26 34.25 10.31 -9.76
C LEU A 26 35.58 10.62 -9.08
N PHE A 27 36.68 10.33 -9.77
CA PHE A 27 38.00 10.45 -9.16
C PHE A 27 38.82 11.58 -9.77
N GLU A 28 38.13 12.55 -10.36
CA GLU A 28 38.82 13.69 -10.95
C GLU A 28 39.63 14.45 -9.90
N GLY A 29 40.91 14.63 -10.18
CA GLY A 29 41.78 15.39 -9.30
C GLY A 29 42.18 14.65 -8.03
N TRP A 30 42.04 13.34 -8.04
CA TRP A 30 42.44 12.53 -6.89
C TRP A 30 43.90 12.11 -6.97
N PRO A 31 44.52 11.89 -5.80
CA PRO A 31 45.90 11.38 -5.74
C PRO A 31 45.95 9.95 -6.25
N GLU A 32 47.14 9.50 -6.62
CA GLU A 32 47.30 8.17 -7.20
C GLU A 32 46.83 7.06 -6.26
N THR A 33 47.16 7.19 -4.97
CA THR A 33 46.87 6.13 -4.02
C THR A 33 46.02 6.56 -2.84
N VAL A 34 45.56 5.57 -2.07
CA VAL A 34 44.64 5.80 -0.96
C VAL A 34 45.22 6.69 0.15
N ASP A 35 46.40 6.33 0.63
CA ASP A 35 47.02 7.06 1.74
C ASP A 35 46.99 8.56 1.48
N GLU A 36 47.23 8.92 0.22
CA GLU A 36 47.28 10.32 -0.19
C GLU A 36 45.90 10.95 -0.16
N CYS A 37 44.87 10.13 -0.31
CA CYS A 37 43.49 10.61 -0.35
C CYS A 37 43.08 11.13 1.02
N ASN A 38 42.13 12.07 1.02
CA ASN A 38 41.65 12.66 2.26
C ASN A 38 40.40 11.96 2.79
N GLU A 39 39.72 12.59 3.75
CA GLU A 39 38.54 12.00 4.35
C GLU A 39 37.36 11.95 3.38
N ARG A 40 37.06 13.09 2.75
CA ARG A 40 35.94 13.17 1.81
C ARG A 40 36.08 12.10 0.74
N GLN A 41 37.28 11.96 0.19
CA GLN A 41 37.55 11.01 -0.87
C GLN A 41 37.44 9.57 -0.37
N ILE A 42 38.21 9.24 0.66
CA ILE A 42 38.21 7.90 1.23
C ILE A 42 36.81 7.46 1.63
N ALA A 43 35.96 8.43 1.96
CA ALA A 43 34.58 8.13 2.37
C ALA A 43 33.72 7.80 1.17
N LEU A 44 33.99 8.43 0.03
CA LEU A 44 33.22 8.18 -1.19
C LEU A 44 33.55 6.78 -1.73
N LEU A 45 34.83 6.43 -1.71
CA LEU A 45 35.27 5.13 -2.14
C LEU A 45 34.71 4.05 -1.22
N THR A 46 34.35 4.46 -0.01
CA THR A 46 33.83 3.53 0.98
C THR A 46 32.40 3.07 0.68
N ASP A 47 31.47 4.01 0.54
CA ASP A 47 30.09 3.63 0.26
C ASP A 47 29.94 3.01 -1.12
N LEU A 48 30.90 3.25 -1.99
CA LEU A 48 30.97 2.51 -3.24
C LEU A 48 31.27 1.06 -2.92
N TYR A 49 32.20 0.85 -1.99
CA TYR A 49 32.63 -0.49 -1.62
C TYR A 49 31.56 -1.23 -0.81
N MET A 50 30.99 -0.54 0.17
CA MET A 50 30.02 -1.13 1.07
C MET A 50 28.72 -1.50 0.36
N PHE A 51 28.49 -0.90 -0.80
CA PHE A 51 27.28 -1.16 -1.57
C PHE A 51 27.11 -2.65 -1.82
N SER A 52 28.23 -3.36 -1.92
CA SER A 52 28.23 -4.81 -2.11
C SER A 52 27.34 -5.54 -1.10
N ASN A 53 27.36 -5.09 0.16
N ASN A 53 27.36 -5.10 0.16
CA ASN A 53 26.56 -5.73 1.20
CA ASN A 53 26.55 -5.72 1.19
C ASN A 53 25.07 -5.38 1.08
C ASN A 53 25.11 -5.20 1.22
N MET A 54 24.74 -4.44 0.18
CA MET A 54 23.37 -3.99 0.03
C MET A 54 22.77 -4.41 -1.31
N TYR A 55 23.63 -4.75 -2.28
CA TYR A 55 23.17 -5.03 -3.63
C TYR A 55 24.01 -6.12 -4.31
N PRO A 56 23.35 -7.08 -4.99
CA PRO A 56 24.09 -8.21 -5.55
C PRO A 56 25.15 -7.76 -6.55
N GLY A 57 26.42 -8.04 -6.23
CA GLY A 57 27.53 -7.70 -7.11
C GLY A 57 28.02 -6.27 -6.96
N GLY A 58 27.56 -5.60 -5.92
CA GLY A 58 28.01 -4.25 -5.63
C GLY A 58 27.79 -3.24 -6.75
N VAL A 59 28.53 -2.14 -6.67
CA VAL A 59 28.35 -1.02 -7.59
C VAL A 59 28.72 -1.38 -9.02
N ALA A 60 29.71 -2.26 -9.19
CA ALA A 60 30.08 -2.73 -10.52
C ALA A 60 28.93 -3.44 -11.21
N GLN A 61 28.29 -4.37 -10.49
CA GLN A 61 27.16 -5.09 -11.07
C GLN A 61 25.96 -4.18 -11.28
N TYR A 62 25.78 -3.22 -10.38
CA TYR A 62 24.70 -2.25 -10.50
C TYR A 62 24.84 -1.48 -11.81
N ILE A 63 26.07 -1.04 -12.09
CA ILE A 63 26.38 -0.32 -13.32
C ILE A 63 26.10 -1.15 -14.58
N ARG A 64 26.49 -2.41 -14.53
N ARG A 64 26.48 -2.42 -14.54
CA ARG A 64 26.24 -3.33 -15.64
CA ARG A 64 26.24 -3.30 -15.68
C ARG A 64 24.75 -3.50 -15.87
C ARG A 64 24.75 -3.58 -15.88
N ASN A 65 24.00 -3.62 -14.78
CA ASN A 65 22.55 -3.77 -14.86
C ASN A 65 21.93 -2.54 -15.50
N GLY A 66 22.46 -1.37 -15.15
CA GLY A 66 22.04 -0.12 -15.74
C GLY A 66 22.21 -0.11 -17.25
N HIS A 67 23.38 -0.55 -17.73
CA HIS A 67 23.63 -0.61 -19.16
C HIS A 67 22.58 -1.47 -19.83
N GLU A 68 22.38 -2.67 -19.30
CA GLU A 68 21.43 -3.61 -19.87
C GLU A 68 20.01 -3.07 -19.87
N LEU A 69 19.65 -2.35 -18.81
CA LEU A 69 18.31 -1.80 -18.71
C LEU A 69 18.15 -0.59 -19.64
N LEU A 70 19.11 0.33 -19.59
CA LEU A 70 19.06 1.52 -20.46
C LEU A 70 19.05 1.15 -21.94
N ALA A 71 19.65 0.00 -22.26
CA ALA A 71 19.65 -0.51 -23.64
C ALA A 71 18.27 -1.02 -24.00
N ARG A 72 17.70 -1.81 -23.10
CA ARG A 72 16.38 -2.39 -23.28
C ARG A 72 15.32 -1.30 -23.27
N GLU A 73 15.64 -0.19 -22.62
CA GLU A 73 14.67 0.87 -22.38
C GLU A 73 14.52 1.78 -23.62
N SER A 74 15.38 1.59 -24.61
CA SER A 74 15.26 2.33 -25.86
C SER A 74 14.31 1.65 -26.84
N GLU A 75 14.19 0.34 -26.72
CA GLU A 75 13.34 -0.44 -27.62
C GLU A 75 11.89 -0.46 -27.14
N GLU A 76 10.96 -0.61 -28.07
CA GLU A 76 9.54 -0.70 -27.73
C GLU A 76 9.25 -2.03 -27.04
N VAL A 77 8.60 -1.97 -25.88
CA VAL A 77 8.22 -3.20 -25.19
C VAL A 77 7.23 -3.97 -26.06
N ASP A 78 7.32 -5.29 -26.03
CA ASP A 78 6.43 -6.13 -26.83
C ASP A 78 6.39 -7.55 -26.27
N PHE A 79 5.21 -8.15 -26.31
CA PHE A 79 5.02 -9.54 -25.91
C PHE A 79 4.47 -10.32 -27.09
N ALA A 80 5.03 -11.49 -27.35
CA ALA A 80 4.51 -12.33 -28.42
C ALA A 80 3.01 -12.55 -28.25
N ALA A 81 2.57 -12.67 -27.00
CA ALA A 81 1.16 -12.92 -26.73
C ALA A 81 0.67 -12.25 -25.44
N LEU A 82 -0.56 -11.78 -25.48
CA LEU A 82 -1.15 -11.08 -24.35
C LEU A 82 -2.65 -11.31 -24.33
N GLU A 83 -3.13 -11.97 -23.29
CA GLU A 83 -4.55 -12.26 -23.17
C GLU A 83 -4.99 -12.30 -21.72
N MET A 84 -6.24 -12.68 -21.50
CA MET A 84 -6.80 -12.78 -20.17
C MET A 84 -6.14 -13.92 -19.40
N PRO A 85 -5.76 -13.65 -18.14
CA PRO A 85 -5.25 -14.74 -17.30
C PRO A 85 -6.30 -15.82 -17.15
N PRO A 86 -5.91 -17.09 -17.32
CA PRO A 86 -6.86 -18.19 -17.21
C PRO A 86 -7.60 -18.17 -15.86
N LEU A 87 -6.86 -17.96 -14.78
CA LEU A 87 -7.45 -18.09 -13.45
C LEU A 87 -7.94 -16.76 -12.89
N ILE A 88 -9.15 -16.38 -13.27
CA ILE A 88 -9.77 -15.16 -12.79
C ILE A 88 -11.08 -15.51 -12.10
N PHE A 89 -11.32 -14.89 -10.95
CA PHE A 89 -12.52 -15.20 -10.18
C PHE A 89 -13.20 -13.93 -9.69
N GLU A 90 -14.53 -13.91 -9.80
CA GLU A 90 -15.33 -12.76 -9.38
C GLU A 90 -15.74 -12.88 -7.91
N ALA A 91 -15.30 -11.92 -7.10
CA ALA A 91 -15.74 -11.86 -5.72
C ALA A 91 -17.19 -11.40 -5.66
N PRO A 92 -17.97 -11.99 -4.75
CA PRO A 92 -19.35 -11.52 -4.53
C PRO A 92 -19.34 -10.12 -3.91
N SER A 93 -20.41 -9.36 -4.11
CA SER A 93 -20.48 -8.00 -3.59
C SER A 93 -20.24 -7.91 -2.09
N LEU A 94 -19.52 -6.88 -1.68
CA LEU A 94 -19.26 -6.64 -0.25
C LEU A 94 -20.50 -6.14 0.48
N HIS A 95 -21.55 -5.77 -0.24
CA HIS A 95 -22.75 -5.21 0.40
C HIS A 95 -24.01 -6.05 0.22
N ARG A 96 -23.84 -7.34 -0.07
CA ARG A 96 -24.96 -8.27 -0.14
C ARG A 96 -24.64 -9.49 0.70
N ARG A 97 -25.44 -9.75 1.72
CA ARG A 97 -25.19 -10.84 2.64
C ARG A 97 -25.76 -12.16 2.11
N THR A 98 -25.17 -12.64 1.02
CA THR A 98 -25.60 -13.90 0.42
C THR A 98 -24.93 -15.09 1.11
N ALA A 99 -25.40 -16.29 0.80
CA ALA A 99 -24.82 -17.49 1.41
C ALA A 99 -23.36 -17.60 1.02
N GLU A 100 -23.06 -17.30 -0.24
CA GLU A 100 -21.68 -17.34 -0.74
C GLU A 100 -20.79 -16.34 0.00
N ARG A 101 -21.25 -15.09 0.09
CA ARG A 101 -20.50 -14.04 0.76
C ARG A 101 -20.23 -14.44 2.21
N THR A 102 -21.25 -15.00 2.85
CA THR A 102 -21.12 -15.48 4.22
C THR A 102 -20.09 -16.61 4.31
N ALA A 103 -20.21 -17.57 3.40
CA ALA A 103 -19.30 -18.72 3.38
C ALA A 103 -17.86 -18.28 3.18
N LEU A 104 -17.65 -17.35 2.26
CA LEU A 104 -16.31 -16.87 1.96
C LEU A 104 -15.71 -16.05 3.11
N GLU A 105 -16.53 -15.19 3.73
CA GLU A 105 -16.05 -14.40 4.87
C GLU A 105 -15.69 -15.29 6.06
N ASN A 106 -16.50 -16.32 6.31
N ASN A 106 -16.50 -16.32 6.31
CA ASN A 106 -16.20 -17.24 7.41
CA ASN A 106 -16.21 -17.26 7.39
C ASN A 106 -14.91 -18.04 7.17
C ASN A 106 -14.90 -18.01 7.15
N ALA A 107 -14.76 -18.61 5.98
CA ALA A 107 -13.55 -19.34 5.63
C ALA A 107 -12.33 -18.41 5.67
N GLY A 108 -12.47 -17.22 5.08
CA GLY A 108 -11.38 -16.27 5.03
C GLY A 108 -10.97 -15.77 6.40
N THR A 109 -11.96 -15.47 7.25
CA THR A 109 -11.69 -14.97 8.59
C THR A 109 -10.93 -16.00 9.44
N ALA A 110 -11.27 -17.28 9.29
CA ALA A 110 -10.50 -18.34 9.97
C ALA A 110 -9.06 -18.40 9.46
N MET A 111 -8.88 -18.25 8.15
CA MET A 111 -7.54 -18.26 7.56
C MET A 111 -6.67 -17.09 8.05
N LEU A 112 -7.32 -16.00 8.46
CA LEU A 112 -6.61 -14.85 9.01
C LEU A 112 -5.79 -15.21 10.24
N CYS A 113 -6.19 -16.27 10.95
CA CYS A 113 -5.46 -16.73 12.13
C CYS A 113 -4.09 -17.29 11.76
N LYS A 114 -3.93 -17.66 10.50
CA LYS A 114 -2.68 -18.27 10.03
C LYS A 114 -2.04 -17.44 8.92
N THR A 115 -2.30 -16.14 8.93
CA THR A 115 -1.78 -15.25 7.90
C THR A 115 -0.67 -14.33 8.43
N VAL A 116 0.43 -14.25 7.69
CA VAL A 116 1.48 -13.26 7.93
C VAL A 116 1.13 -11.98 7.13
N PHE A 117 1.27 -10.81 7.75
CA PHE A 117 0.93 -9.55 7.07
C PHE A 117 2.16 -8.69 6.78
N VAL A 118 2.15 -8.05 5.61
CA VAL A 118 3.28 -7.24 5.20
C VAL A 118 2.84 -5.90 4.64
N LEU A 119 3.35 -4.83 5.23
CA LEU A 119 2.99 -3.48 4.79
C LEU A 119 4.19 -2.79 4.17
N VAL A 120 4.08 -2.40 2.90
CA VAL A 120 5.13 -1.63 2.29
C VAL A 120 4.87 -0.13 2.47
N ALA A 121 5.73 0.49 3.27
CA ALA A 121 5.55 1.87 3.68
C ALA A 121 6.87 2.62 3.60
N GLY A 122 7.58 2.41 2.49
CA GLY A 122 8.86 3.05 2.26
C GLY A 122 8.73 4.26 1.34
N GLY A 123 7.58 4.36 0.66
CA GLY A 123 7.39 5.38 -0.35
C GLY A 123 7.05 6.76 0.21
N LEU A 124 7.44 7.79 -0.52
CA LEU A 124 7.17 9.16 -0.11
C LEU A 124 5.81 9.66 -0.60
N GLY A 125 5.33 9.09 -1.70
CA GLY A 125 4.11 9.59 -2.30
C GLY A 125 4.26 11.06 -2.64
N GLU A 126 5.10 11.33 -3.63
CA GLU A 126 5.45 12.69 -4.03
C GLU A 126 4.22 13.60 -4.21
N ARG A 127 3.13 13.03 -4.70
CA ARG A 127 2.03 13.83 -5.22
C ARG A 127 1.19 14.60 -4.19
N LEU A 128 1.08 14.04 -2.99
CA LEU A 128 0.06 14.46 -2.03
C LEU A 128 0.12 15.92 -1.55
N GLY A 129 1.31 16.39 -1.19
CA GLY A 129 1.42 17.68 -0.54
C GLY A 129 1.19 17.52 0.96
N TYR A 130 1.65 16.39 1.47
CA TYR A 130 1.62 16.09 2.89
C TYR A 130 3.08 15.89 3.26
N SER A 131 3.56 16.68 4.21
CA SER A 131 4.98 16.69 4.53
C SER A 131 5.37 15.58 5.51
N SER A 132 4.41 14.78 5.94
CA SER A 132 4.73 13.66 6.83
C SER A 132 4.46 12.33 6.12
N ILE A 133 4.61 11.23 6.84
CA ILE A 133 4.55 9.93 6.20
C ILE A 133 3.13 9.49 5.91
N LYS A 134 2.98 8.75 4.81
CA LYS A 134 1.67 8.33 4.35
C LYS A 134 0.87 7.57 5.40
N VAL A 135 1.52 6.68 6.16
CA VAL A 135 0.80 5.87 7.14
C VAL A 135 0.37 6.66 8.38
N SER A 136 0.86 7.90 8.49
CA SER A 136 0.42 8.79 9.56
C SER A 136 -0.84 9.57 9.15
N LEU A 137 -1.25 9.44 7.89
CA LEU A 137 -2.51 10.04 7.47
C LEU A 137 -3.65 9.37 8.21
N PRO A 138 -4.68 10.14 8.57
CA PRO A 138 -5.87 9.51 9.14
C PRO A 138 -6.69 8.84 8.05
N VAL A 139 -7.27 7.69 8.36
CA VAL A 139 -8.22 7.05 7.46
C VAL A 139 -9.49 7.91 7.39
N GLU A 140 -9.80 8.55 8.51
CA GLU A 140 -10.91 9.50 8.59
C GLU A 140 -10.69 10.42 9.79
N THR A 141 -11.29 11.60 9.75
CA THR A 141 -11.04 12.61 10.77
C THR A 141 -12.05 12.58 11.93
N ALA A 142 -13.08 11.75 11.80
CA ALA A 142 -13.99 11.48 12.91
C ALA A 142 -13.22 10.98 14.14
N THR A 143 -12.35 9.99 13.95
CA THR A 143 -11.52 9.45 15.03
C THR A 143 -10.03 9.77 14.85
N ASN A 144 -9.65 10.18 13.64
CA ASN A 144 -8.24 10.45 13.33
C ASN A 144 -7.32 9.23 13.44
N THR A 145 -7.90 8.03 13.42
CA THR A 145 -7.13 6.80 13.38
C THR A 145 -6.23 6.76 12.14
N THR A 146 -4.92 6.65 12.36
CA THR A 146 -3.95 6.61 11.27
C THR A 146 -4.04 5.31 10.51
N TYR A 147 -3.57 5.32 9.26
CA TYR A 147 -3.47 4.08 8.50
C TYR A 147 -2.65 3.04 9.25
N LEU A 148 -1.53 3.47 9.85
CA LEU A 148 -0.68 2.53 10.57
C LEU A 148 -1.48 1.78 11.65
N ALA A 149 -2.14 2.54 12.53
CA ALA A 149 -2.94 1.95 13.61
C ALA A 149 -4.06 1.07 13.08
N TYR A 150 -4.71 1.57 12.04
CA TYR A 150 -5.82 0.87 11.42
C TYR A 150 -5.40 -0.55 11.00
N TYR A 151 -4.31 -0.66 10.26
CA TYR A 151 -3.83 -1.97 9.81
C TYR A 151 -3.42 -2.87 10.97
N LEU A 152 -2.69 -2.29 11.92
CA LEU A 152 -2.10 -3.07 13.02
C LEU A 152 -3.15 -3.59 13.98
N ARG A 153 -4.10 -2.75 14.36
CA ARG A 153 -5.14 -3.18 15.28
C ARG A 153 -6.01 -4.23 14.61
N TRP A 154 -6.26 -4.04 13.32
CA TRP A 154 -7.03 -5.03 12.60
C TRP A 154 -6.31 -6.39 12.55
N ALA A 155 -5.02 -6.37 12.25
CA ALA A 155 -4.24 -7.62 12.18
C ALA A 155 -4.13 -8.31 13.53
N GLN A 156 -3.95 -7.53 14.60
CA GLN A 156 -3.93 -8.12 15.94
C GLN A 156 -5.29 -8.67 16.33
N ARG A 157 -6.33 -8.08 15.75
CA ARG A 157 -7.69 -8.52 16.03
C ARG A 157 -7.96 -9.87 15.38
N VAL A 158 -7.64 -10.00 14.10
CA VAL A 158 -7.94 -11.21 13.37
C VAL A 158 -6.89 -12.30 13.57
N GLY A 159 -5.70 -11.90 14.00
CA GLY A 159 -4.58 -12.83 14.15
C GLY A 159 -4.05 -12.94 15.57
N GLY A 160 -4.67 -12.24 16.51
CA GLY A 160 -4.21 -12.24 17.89
C GLY A 160 -3.07 -11.24 18.09
N LYS A 161 -2.83 -10.87 19.34
CA LYS A 161 -1.78 -9.93 19.67
C LYS A 161 -0.43 -10.29 19.05
N GLU A 162 -0.16 -11.59 18.97
N GLU A 162 -0.12 -11.58 19.00
CA GLU A 162 1.12 -12.12 18.53
CA GLU A 162 1.18 -12.05 18.52
C GLU A 162 1.25 -12.24 17.01
C GLU A 162 1.24 -12.25 17.01
N VAL A 163 0.34 -11.59 16.29
CA VAL A 163 0.31 -11.70 14.83
C VAL A 163 1.65 -11.29 14.20
N PRO A 164 2.15 -12.11 13.25
CA PRO A 164 3.39 -11.77 12.56
C PRO A 164 3.14 -10.61 11.60
N PHE A 165 3.92 -9.55 11.72
CA PHE A 165 3.68 -8.35 10.94
C PHE A 165 4.98 -7.70 10.49
N VAL A 166 5.08 -7.45 9.19
CA VAL A 166 6.26 -6.80 8.64
C VAL A 166 5.92 -5.41 8.11
N ILE A 167 6.72 -4.42 8.49
CA ILE A 167 6.62 -3.14 7.86
C ILE A 167 7.93 -2.81 7.18
N MET A 168 7.88 -2.54 5.88
CA MET A 168 9.06 -2.07 5.17
C MET A 168 9.11 -0.54 5.19
N THR A 169 10.21 0.00 5.70
CA THR A 169 10.42 1.43 5.70
C THR A 169 11.56 1.77 4.74
N SER A 170 11.87 3.06 4.64
CA SER A 170 13.01 3.53 3.86
C SER A 170 13.65 4.67 4.63
N ASP A 171 14.78 5.16 4.15
CA ASP A 171 15.42 6.32 4.77
C ASP A 171 14.45 7.48 4.86
N ASP A 172 13.49 7.53 3.92
CA ASP A 172 12.47 8.58 3.94
C ASP A 172 11.43 8.43 5.06
N THR A 173 11.08 7.20 5.43
CA THR A 173 9.95 7.00 6.34
C THR A 173 10.30 6.36 7.67
N HIS A 174 11.53 5.87 7.80
CA HIS A 174 11.86 4.95 8.89
C HIS A 174 11.72 5.54 10.29
N ASP A 175 12.41 6.64 10.55
CA ASP A 175 12.40 7.25 11.88
C ASP A 175 11.01 7.72 12.30
N ARG A 176 10.26 8.29 11.35
CA ARG A 176 8.91 8.75 11.64
C ARG A 176 7.98 7.57 11.86
N THR A 177 8.27 6.45 11.20
CA THR A 177 7.49 5.24 11.41
C THR A 177 7.67 4.76 12.85
N LEU A 178 8.93 4.70 13.31
CA LEU A 178 9.20 4.27 14.67
C LEU A 178 8.59 5.26 15.66
N GLN A 179 8.68 6.54 15.35
CA GLN A 179 8.11 7.57 16.22
C GLN A 179 6.59 7.38 16.35
N LEU A 180 5.91 7.10 15.26
CA LEU A 180 4.46 6.88 15.29
C LEU A 180 4.08 5.64 16.10
N LEU A 181 4.80 4.54 15.89
CA LEU A 181 4.59 3.33 16.69
C LEU A 181 4.68 3.64 18.18
N ARG A 182 5.71 4.37 18.56
N ARG A 182 5.72 4.36 18.57
CA ARG A 182 5.94 4.76 19.95
CA ARG A 182 5.91 4.74 19.96
C ARG A 182 4.80 5.65 20.47
C ARG A 182 4.78 5.64 20.47
N GLU A 183 4.38 6.61 19.66
CA GLU A 183 3.35 7.58 20.08
C GLU A 183 1.97 6.96 20.22
N LEU A 184 1.65 6.01 19.34
CA LEU A 184 0.36 5.35 19.41
C LEU A 184 0.32 4.29 20.50
N GLN A 185 1.47 4.03 21.10
CA GLN A 185 1.57 3.03 22.16
C GLN A 185 1.05 1.67 21.68
N LEU A 186 1.31 1.38 20.41
CA LEU A 186 1.02 0.09 19.80
C LEU A 186 2.02 -0.98 20.27
N GLU A 187 1.51 -2.02 20.93
CA GLU A 187 2.37 -3.12 21.37
C GLU A 187 2.20 -4.36 20.50
N VAL A 188 3.14 -4.55 19.57
CA VAL A 188 3.05 -5.61 18.57
C VAL A 188 4.29 -6.51 18.69
N PRO A 189 4.18 -7.58 19.50
CA PRO A 189 5.30 -8.46 19.84
C PRO A 189 6.04 -9.05 18.64
N ASN A 190 5.31 -9.44 17.59
CA ASN A 190 5.97 -10.05 16.43
C ASN A 190 6.04 -9.12 15.21
N LEU A 191 6.13 -7.82 15.49
CA LEU A 191 6.37 -6.84 14.44
C LEU A 191 7.84 -6.82 14.04
N HIS A 192 8.09 -6.76 12.74
CA HIS A 192 9.45 -6.55 12.25
C HIS A 192 9.48 -5.37 11.28
N VAL A 193 10.25 -4.35 11.64
CA VAL A 193 10.46 -3.20 10.79
C VAL A 193 11.75 -3.40 10.00
N LEU A 194 11.62 -3.41 8.68
CA LEU A 194 12.74 -3.70 7.80
C LEU A 194 12.97 -2.54 6.83
N LYS A 195 14.15 -1.94 6.88
CA LYS A 195 14.43 -0.72 6.14
C LYS A 195 15.17 -0.99 4.82
N GLN A 196 14.54 -0.62 3.70
CA GLN A 196 15.18 -0.79 2.41
C GLN A 196 16.31 0.24 2.26
N GLY A 197 17.38 -0.17 1.57
CA GLY A 197 18.50 0.71 1.35
C GLY A 197 18.31 1.49 0.07
N GLN A 198 19.04 2.59 -0.07
CA GLN A 198 18.94 3.37 -1.29
C GLN A 198 20.00 2.94 -2.31
N VAL A 199 19.66 3.05 -3.59
CA VAL A 199 20.59 2.70 -4.63
C VAL A 199 21.09 3.95 -5.34
N PHE A 200 22.22 3.80 -6.04
CA PHE A 200 22.85 4.93 -6.72
C PHE A 200 22.03 5.39 -7.93
N CYS A 201 22.36 6.57 -8.45
CA CYS A 201 21.63 7.13 -9.59
C CYS A 201 22.53 7.37 -10.79
N PHE A 202 21.94 7.32 -11.99
CA PHE A 202 22.67 7.53 -13.22
C PHE A 202 22.41 8.94 -13.75
N ALA A 203 23.49 9.69 -13.98
CA ALA A 203 23.37 11.04 -14.51
C ALA A 203 23.08 11.03 -16.00
N ASP A 204 23.36 9.90 -16.65
CA ASP A 204 23.14 9.82 -18.09
C ASP A 204 22.86 8.42 -18.62
N SER A 205 22.62 8.36 -19.92
CA SER A 205 22.29 7.12 -20.62
C SER A 205 23.46 6.12 -20.71
N ALA A 206 24.66 6.57 -20.35
CA ALA A 206 25.84 5.70 -20.35
C ALA A 206 26.05 5.14 -18.95
N ALA A 207 25.14 5.51 -18.04
CA ALA A 207 25.14 5.00 -16.67
C ALA A 207 26.30 5.51 -15.83
N HIS A 208 26.67 6.76 -16.02
CA HIS A 208 27.65 7.40 -15.14
C HIS A 208 26.95 7.78 -13.83
N LEU A 209 27.60 7.51 -12.69
CA LEU A 209 26.96 7.79 -11.40
C LEU A 209 26.80 9.28 -11.16
N ALA A 210 25.62 9.68 -10.69
CA ALA A 210 25.36 11.07 -10.39
C ALA A 210 25.85 11.43 -8.99
N LEU A 211 26.33 12.67 -8.83
CA LEU A 211 26.73 13.17 -7.52
C LEU A 211 25.78 14.30 -7.12
N ASP A 212 25.74 14.62 -5.83
CA ASP A 212 24.91 15.73 -5.36
C ASP A 212 25.70 17.03 -5.27
N GLU A 213 25.17 17.99 -4.53
CA GLU A 213 25.77 19.31 -4.44
C GLU A 213 27.10 19.30 -3.71
N THR A 214 27.16 18.57 -2.60
CA THR A 214 28.37 18.50 -1.81
C THR A 214 29.43 17.60 -2.45
N GLY A 215 29.03 16.88 -3.49
CA GLY A 215 29.94 15.99 -4.20
C GLY A 215 29.88 14.57 -3.69
N LYS A 216 28.75 14.20 -3.09
CA LYS A 216 28.55 12.85 -2.58
C LYS A 216 27.65 12.08 -3.53
N LEU A 217 27.78 10.76 -3.54
CA LEU A 217 26.97 9.92 -4.43
C LEU A 217 25.48 10.08 -4.14
N LEU A 218 24.75 10.47 -5.18
CA LEU A 218 23.31 10.70 -5.09
C LEU A 218 22.54 9.39 -5.00
N ARG A 219 21.59 9.30 -4.09
CA ARG A 219 20.87 8.05 -3.87
C ARG A 219 19.35 8.20 -3.93
N LYS A 220 18.69 7.12 -4.36
CA LYS A 220 17.24 7.07 -4.41
C LYS A 220 16.76 5.65 -4.10
N PRO A 221 15.47 5.51 -3.76
CA PRO A 221 14.92 4.19 -3.39
C PRO A 221 14.86 3.24 -4.58
N HIS A 222 14.92 1.94 -4.31
CA HIS A 222 14.95 0.93 -5.35
C HIS A 222 13.56 0.34 -5.62
N GLY A 223 12.54 0.91 -4.97
CA GLY A 223 11.16 0.50 -5.22
C GLY A 223 10.60 -0.47 -4.19
N HIS A 224 9.31 -0.76 -4.27
CA HIS A 224 8.69 -1.65 -3.31
C HIS A 224 9.08 -3.10 -3.55
N GLY A 225 9.84 -3.33 -4.62
CA GLY A 225 10.40 -4.64 -4.91
C GLY A 225 11.35 -5.18 -3.85
N ASP A 226 12.07 -4.28 -3.17
CA ASP A 226 13.02 -4.65 -2.13
C ASP A 226 12.45 -5.49 -0.98
N VAL A 227 11.14 -5.58 -0.89
CA VAL A 227 10.52 -6.18 0.30
C VAL A 227 10.84 -7.68 0.40
N HIS A 228 10.93 -8.34 -0.75
CA HIS A 228 11.21 -9.78 -0.76
C HIS A 228 12.62 -10.12 -0.29
N SER A 229 13.62 -9.34 -0.72
CA SER A 229 14.99 -9.59 -0.30
C SER A 229 15.14 -9.27 1.18
N LEU A 230 14.50 -8.17 1.60
CA LEU A 230 14.52 -7.77 3.00
C LEU A 230 14.01 -8.91 3.88
N ILE A 231 12.91 -9.51 3.45
CA ILE A 231 12.35 -10.66 4.15
C ILE A 231 13.26 -11.90 4.06
N TYR A 232 13.81 -12.18 2.89
CA TYR A 232 14.71 -13.33 2.73
C TYR A 232 15.89 -13.26 3.70
N ASN A 233 16.45 -12.08 3.86
CA ASN A 233 17.65 -11.89 4.68
C ASN A 233 17.36 -11.65 6.16
N ALA A 234 16.10 -11.52 6.53
CA ALA A 234 15.73 -11.23 7.91
C ALA A 234 15.72 -12.49 8.78
N THR A 235 16.14 -12.33 10.04
CA THR A 235 16.17 -13.43 11.00
C THR A 235 15.40 -13.06 12.26
N VAL A 236 15.32 -13.98 13.21
CA VAL A 236 14.54 -13.73 14.43
C VAL A 236 15.28 -14.14 15.69
N ALA A 251 19.06 -15.88 14.60
CA ALA A 251 19.52 -17.26 14.45
C ALA A 251 18.82 -17.92 13.28
N GLN A 252 17.50 -18.00 13.35
CA GLN A 252 16.71 -18.67 12.33
C GLN A 252 16.10 -17.64 11.38
N PRO A 253 16.03 -17.99 10.08
CA PRO A 253 15.38 -17.12 9.10
C PRO A 253 13.94 -16.84 9.47
N LEU A 254 13.50 -15.60 9.24
CA LEU A 254 12.16 -15.18 9.61
C LEU A 254 11.10 -16.12 9.05
N VAL A 255 11.17 -16.42 7.76
CA VAL A 255 10.16 -17.24 7.12
C VAL A 255 10.13 -18.67 7.67
N ASN A 256 11.27 -19.14 8.17
CA ASN A 256 11.32 -20.45 8.80
C ASN A 256 10.49 -20.45 10.07
N ASP A 257 10.69 -19.40 10.86
CA ASP A 257 9.94 -19.24 12.10
C ASP A 257 8.44 -19.24 11.82
N TRP A 258 8.04 -18.58 10.74
CA TRP A 258 6.63 -18.49 10.39
C TRP A 258 6.09 -19.87 9.99
N LEU A 259 6.87 -20.59 9.19
CA LEU A 259 6.44 -21.92 8.74
C LEU A 259 6.34 -22.86 9.94
N ALA A 260 7.36 -22.85 10.78
CA ALA A 260 7.39 -23.73 11.95
C ALA A 260 6.26 -23.43 12.92
N ALA A 261 5.74 -22.20 12.86
CA ALA A 261 4.70 -21.80 13.78
C ALA A 261 3.30 -22.14 13.27
N GLY A 262 3.23 -22.66 12.05
CA GLY A 262 1.95 -23.08 11.48
C GLY A 262 1.29 -22.12 10.51
N TYR A 263 1.94 -21.00 10.21
CA TYR A 263 1.35 -20.02 9.29
C TYR A 263 1.28 -20.55 7.86
N GLU A 264 0.23 -20.19 7.14
CA GLU A 264 -0.07 -20.78 5.84
C GLU A 264 -0.23 -19.77 4.72
N SER A 265 -0.48 -18.51 5.06
CA SER A 265 -0.62 -17.47 4.04
C SER A 265 0.19 -16.24 4.36
N ILE A 266 0.59 -15.52 3.32
CA ILE A 266 1.25 -14.22 3.50
C ILE A 266 0.60 -13.19 2.58
N VAL A 267 0.28 -12.03 3.17
CA VAL A 267 -0.43 -10.97 2.45
C VAL A 267 0.36 -9.66 2.44
N PHE A 268 0.42 -9.03 1.28
CA PHE A 268 1.13 -7.76 1.11
C PHE A 268 0.14 -6.64 0.87
N ILE A 269 0.27 -5.56 1.62
CA ILE A 269 -0.59 -4.41 1.44
C ILE A 269 0.19 -3.12 1.29
N GLN A 270 -0.46 -2.12 0.70
CA GLN A 270 0.15 -0.82 0.51
C GLN A 270 -0.36 0.21 1.53
N ASP A 271 0.22 1.39 1.51
CA ASP A 271 0.17 2.30 2.65
C ASP A 271 -1.15 3.07 2.91
N THR A 272 -1.98 3.27 1.89
CA THR A 272 -3.19 4.09 2.10
C THR A 272 -4.46 3.57 1.45
N ASN A 273 -4.71 2.27 1.58
CA ASN A 273 -5.93 1.68 1.03
C ASN A 273 -6.68 0.88 2.08
N ALA A 274 -7.62 1.52 2.77
CA ALA A 274 -8.37 0.88 3.83
C ALA A 274 -9.22 -0.30 3.32
N GLY A 275 -9.49 -0.33 2.02
CA GLY A 275 -10.22 -1.43 1.43
C GLY A 275 -9.66 -2.83 1.69
N ALA A 276 -8.35 -2.92 1.96
CA ALA A 276 -7.70 -4.21 2.13
C ALA A 276 -8.31 -5.08 3.23
N THR A 277 -8.81 -4.46 4.30
CA THR A 277 -9.40 -5.23 5.40
C THR A 277 -10.66 -5.95 4.96
N ILE A 278 -11.27 -5.48 3.88
CA ILE A 278 -12.48 -6.09 3.35
C ILE A 278 -12.18 -7.15 2.28
N THR A 279 -11.23 -6.87 1.41
CA THR A 279 -10.93 -7.76 0.29
C THR A 279 -10.18 -9.02 0.72
N ILE A 280 -9.29 -8.86 1.69
CA ILE A 280 -8.37 -9.93 2.09
C ILE A 280 -9.04 -11.27 2.48
N PRO A 281 -10.02 -11.24 3.40
CA PRO A 281 -10.66 -12.50 3.81
C PRO A 281 -11.23 -13.24 2.60
N ILE A 282 -11.86 -12.50 1.70
CA ILE A 282 -12.43 -13.09 0.51
C ILE A 282 -11.35 -13.76 -0.33
N SER A 283 -10.24 -13.04 -0.52
CA SER A 283 -9.14 -13.55 -1.33
C SER A 283 -8.60 -14.85 -0.76
N LEU A 284 -8.36 -14.86 0.55
CA LEU A 284 -7.88 -16.06 1.21
C LEU A 284 -8.80 -17.24 0.94
N ALA A 285 -10.10 -17.01 1.11
CA ALA A 285 -11.09 -18.05 0.88
C ALA A 285 -11.03 -18.57 -0.54
N LEU A 286 -10.87 -17.66 -1.49
CA LEU A 286 -10.86 -18.05 -2.90
C LEU A 286 -9.53 -18.69 -3.31
N SER A 287 -8.43 -18.22 -2.72
CA SER A 287 -7.14 -18.85 -2.95
C SER A 287 -7.18 -20.32 -2.57
N ALA A 288 -7.79 -20.61 -1.43
CA ALA A 288 -7.86 -21.98 -0.93
C ALA A 288 -8.87 -22.80 -1.72
N GLU A 289 -10.01 -22.21 -2.05
CA GLU A 289 -11.02 -22.91 -2.81
C GLU A 289 -10.53 -23.28 -4.21
N HIS A 290 -9.72 -22.40 -4.80
CA HIS A 290 -9.24 -22.62 -6.16
C HIS A 290 -7.75 -22.95 -6.20
N SER A 291 -7.19 -23.27 -5.04
CA SER A 291 -5.79 -23.67 -4.94
C SER A 291 -4.87 -22.71 -5.69
N LEU A 292 -4.86 -21.45 -5.28
CA LEU A 292 -3.98 -20.47 -5.89
C LEU A 292 -2.74 -20.25 -5.05
N ASP A 293 -1.57 -20.30 -5.69
CA ASP A 293 -0.33 -20.03 -4.98
C ASP A 293 -0.11 -18.54 -4.82
N MET A 294 -0.47 -17.79 -5.85
CA MET A 294 -0.46 -16.33 -5.80
C MET A 294 -1.79 -15.79 -6.31
N ASN A 295 -2.34 -14.82 -5.59
CA ASN A 295 -3.67 -14.30 -5.89
C ASN A 295 -3.68 -12.77 -5.90
N PHE A 296 -3.72 -12.19 -7.10
CA PHE A 296 -3.73 -10.74 -7.29
C PHE A 296 -5.11 -10.16 -6.96
N THR A 297 -5.15 -9.12 -6.14
CA THR A 297 -6.41 -8.43 -5.87
C THR A 297 -6.69 -7.43 -6.99
N CYS A 298 -7.84 -7.57 -7.64
CA CYS A 298 -8.14 -6.76 -8.81
C CYS A 298 -9.48 -6.02 -8.74
N ILE A 299 -9.64 -5.06 -9.64
CA ILE A 299 -10.90 -4.37 -9.86
C ILE A 299 -11.00 -4.09 -11.34
N PRO A 300 -12.23 -3.90 -11.85
CA PRO A 300 -12.37 -3.45 -13.24
C PRO A 300 -11.62 -2.15 -13.44
N ARG A 301 -10.84 -2.05 -14.51
CA ARG A 301 -9.97 -0.90 -14.73
C ARG A 301 -10.53 0.06 -15.77
N VAL A 302 -10.50 1.36 -15.48
CA VAL A 302 -10.86 2.35 -16.49
C VAL A 302 -9.61 2.72 -17.29
N PRO A 303 -9.74 2.72 -18.63
CA PRO A 303 -8.67 2.84 -19.63
C PRO A 303 -7.52 3.79 -19.28
N LYS A 304 -7.78 4.74 -18.40
CA LYS A 304 -6.81 5.79 -18.12
C LYS A 304 -6.01 5.56 -16.82
N GLU A 305 -6.58 4.78 -15.92
CA GLU A 305 -6.07 4.64 -14.55
C GLU A 305 -4.59 4.28 -14.41
N PRO A 306 -3.94 4.90 -13.41
CA PRO A 306 -2.56 4.60 -13.00
C PRO A 306 -2.52 3.36 -12.11
N ILE A 307 -3.17 2.29 -12.56
CA ILE A 307 -3.03 0.98 -11.94
C ILE A 307 -2.65 0.00 -13.03
N GLY A 308 -1.86 -1.01 -12.66
CA GLY A 308 -1.41 -2.01 -13.62
C GLY A 308 -2.51 -2.95 -14.04
N LEU A 309 -2.22 -3.76 -15.06
CA LEU A 309 -3.18 -4.73 -15.56
C LEU A 309 -2.68 -6.14 -15.36
N LEU A 310 -3.54 -7.03 -14.88
CA LEU A 310 -3.20 -8.44 -14.73
C LEU A 310 -3.39 -9.17 -16.05
N CYS A 311 -2.29 -9.67 -16.62
CA CYS A 311 -2.32 -10.31 -17.93
C CYS A 311 -1.64 -11.67 -17.98
N ARG A 312 -2.03 -12.48 -18.96
CA ARG A 312 -1.31 -13.68 -19.31
C ARG A 312 -0.34 -13.30 -20.41
N THR A 313 0.95 -13.53 -20.20
CA THR A 313 1.97 -12.97 -21.09
C THR A 313 3.01 -13.95 -21.61
N LYS A 314 3.47 -13.71 -22.83
CA LYS A 314 4.66 -14.34 -23.36
C LYS A 314 5.47 -13.25 -24.02
N LYS A 315 6.56 -12.83 -23.40
CA LYS A 315 7.35 -11.73 -23.94
C LYS A 315 7.87 -12.04 -25.34
N ASN A 316 8.45 -13.23 -25.50
CA ASN A 316 8.93 -13.67 -26.81
C ASN A 316 8.15 -14.88 -27.34
N SER A 317 8.25 -15.11 -28.65
CA SER A 317 7.43 -16.14 -29.29
C SER A 317 7.69 -17.55 -28.76
N GLY A 318 8.86 -17.76 -28.15
CA GLY A 318 9.25 -19.07 -27.69
C GLY A 318 9.04 -19.32 -26.20
N ASP A 319 8.71 -18.27 -25.46
CA ASP A 319 8.54 -18.37 -24.01
C ASP A 319 7.24 -19.02 -23.60
N PRO A 320 7.17 -19.52 -22.35
CA PRO A 320 5.93 -20.04 -21.77
C PRO A 320 4.98 -18.91 -21.41
N TRP A 321 3.71 -19.23 -21.22
CA TRP A 321 2.75 -18.27 -20.68
C TRP A 321 3.17 -17.87 -19.27
N LEU A 322 3.08 -16.59 -18.97
CA LEU A 322 3.34 -16.10 -17.62
C LEU A 322 2.26 -15.13 -17.18
N VAL A 323 1.59 -15.45 -16.08
CA VAL A 323 0.64 -14.52 -15.49
C VAL A 323 1.37 -13.49 -14.66
N ALA A 324 1.31 -12.23 -15.08
CA ALA A 324 1.98 -11.17 -14.35
C ALA A 324 1.35 -9.78 -14.57
N ASN A 325 1.64 -8.87 -13.66
CA ASN A 325 1.20 -7.48 -13.80
C ASN A 325 2.01 -6.75 -14.86
N VAL A 326 1.32 -6.00 -15.70
CA VAL A 326 1.94 -5.09 -16.64
C VAL A 326 1.56 -3.67 -16.20
N GLU A 327 2.56 -2.87 -15.83
CA GLU A 327 2.29 -1.53 -15.31
C GLU A 327 1.59 -0.63 -16.31
N TYR A 328 0.88 0.37 -15.79
CA TYR A 328 0.11 1.29 -16.61
C TYR A 328 0.98 2.03 -17.63
N ASN A 329 2.10 2.57 -17.18
CA ASN A 329 3.02 3.31 -18.05
C ASN A 329 3.58 2.47 -19.20
N VAL A 330 3.52 1.16 -19.04
CA VAL A 330 4.03 0.24 -20.06
C VAL A 330 2.92 -0.23 -20.98
N PHE A 331 1.71 -0.40 -20.44
CA PHE A 331 0.60 -0.90 -21.23
C PHE A 331 0.28 0.06 -22.36
N ALA A 332 0.87 1.24 -22.31
CA ALA A 332 0.68 2.23 -23.37
C ALA A 332 1.46 1.86 -24.62
N GLU A 333 2.76 1.66 -24.47
CA GLU A 333 3.61 1.27 -25.59
C GLU A 333 3.13 -0.03 -26.20
N VAL A 334 2.89 -1.02 -25.33
CA VAL A 334 2.43 -2.33 -25.78
C VAL A 334 1.08 -2.22 -26.46
N SER A 335 0.27 -1.27 -26.01
CA SER A 335 -1.08 -1.06 -26.55
C SER A 335 -1.09 -1.10 -28.08
N ARG A 336 -0.63 -0.02 -28.70
CA ARG A 336 -0.70 0.11 -30.15
C ARG A 336 0.27 -0.80 -30.88
N ALA A 337 1.41 -1.05 -30.28
CA ALA A 337 2.49 -1.79 -30.94
C ALA A 337 2.17 -3.27 -31.16
N LEU A 338 1.29 -3.84 -30.33
CA LEU A 338 1.08 -5.28 -30.31
C LEU A 338 -0.38 -5.70 -30.47
N ASN A 339 -0.68 -6.37 -31.58
CA ASN A 339 -2.03 -6.86 -31.83
C ASN A 339 -2.14 -7.92 -32.93
N LYS A 340 -1.39 -7.75 -34.01
CA LYS A 340 -1.55 -8.60 -35.20
C LYS A 340 -0.95 -9.99 -35.06
N ASP A 341 -1.20 -10.84 -36.06
CA ASP A 341 -0.69 -12.20 -36.07
C ASP A 341 0.39 -12.39 -37.13
N GLY A 351 -16.40 -0.72 -21.58
CA GLY A 351 -16.20 0.42 -20.68
C GLY A 351 -14.90 0.37 -19.92
N PHE A 352 -14.41 -0.84 -19.64
CA PHE A 352 -13.16 -1.01 -18.91
C PHE A 352 -12.09 -1.67 -19.76
N SER A 353 -10.86 -1.73 -19.22
CA SER A 353 -9.76 -2.40 -19.89
C SER A 353 -10.05 -3.88 -20.12
N PRO A 354 -9.50 -4.46 -21.19
CA PRO A 354 -9.70 -5.89 -21.49
C PRO A 354 -9.27 -6.78 -20.31
N PHE A 355 -8.28 -6.32 -19.56
CA PHE A 355 -7.73 -7.11 -18.46
C PHE A 355 -8.01 -6.43 -17.13
N PRO A 356 -8.05 -7.23 -16.05
CA PRO A 356 -8.31 -6.68 -14.71
C PRO A 356 -7.21 -5.71 -14.29
N GLY A 357 -7.57 -4.68 -13.53
CA GLY A 357 -6.60 -3.81 -12.91
C GLY A 357 -6.17 -4.38 -11.58
N SER A 358 -4.87 -4.32 -11.31
CA SER A 358 -4.29 -4.88 -10.09
C SER A 358 -4.06 -3.75 -9.08
N VAL A 359 -4.54 -3.94 -7.85
CA VAL A 359 -4.43 -2.91 -6.83
C VAL A 359 -3.26 -3.14 -5.88
N ASN A 360 -2.54 -4.23 -6.09
CA ASN A 360 -1.35 -4.55 -5.27
C ASN A 360 -1.64 -4.88 -3.81
N THR A 361 -2.73 -5.61 -3.61
CA THR A 361 -2.91 -6.38 -2.39
C THR A 361 -2.65 -7.83 -2.80
N LEU A 362 -1.48 -8.33 -2.43
CA LEU A 362 -1.02 -9.62 -2.95
C LEU A 362 -1.17 -10.74 -1.93
N VAL A 363 -1.87 -11.80 -2.31
CA VAL A 363 -2.17 -12.90 -1.40
C VAL A 363 -1.45 -14.20 -1.82
N PHE A 364 -0.57 -14.69 -0.96
CA PHE A 364 0.23 -15.88 -1.27
C PHE A 364 -0.04 -17.04 -0.33
N LYS A 365 0.14 -18.25 -0.84
CA LYS A 365 0.29 -19.43 0.00
C LYS A 365 1.71 -19.36 0.54
N LEU A 366 1.87 -19.38 1.85
CA LEU A 366 3.19 -19.17 2.46
C LEU A 366 4.25 -20.13 1.91
N SER A 367 3.95 -21.42 1.87
CA SER A 367 4.94 -22.41 1.46
C SER A 367 5.42 -22.15 0.03
N SER A 368 4.47 -21.87 -0.87
CA SER A 368 4.82 -21.57 -2.24
C SER A 368 5.67 -20.31 -2.31
N TYR A 369 5.25 -19.28 -1.57
CA TYR A 369 6.00 -18.03 -1.52
C TYR A 369 7.44 -18.29 -1.07
N VAL A 370 7.58 -18.99 0.04
CA VAL A 370 8.89 -19.29 0.59
C VAL A 370 9.79 -20.03 -0.42
N ASP A 371 9.23 -21.02 -1.11
CA ASP A 371 9.99 -21.79 -2.08
C ASP A 371 10.65 -20.87 -3.12
N ARG A 372 9.83 -20.02 -3.71
CA ARG A 372 10.34 -19.11 -4.74
C ARG A 372 11.30 -18.10 -4.13
N LEU A 373 11.02 -17.69 -2.89
CA LEU A 373 11.87 -16.74 -2.19
C LEU A 373 13.29 -17.29 -2.03
N ARG A 374 13.39 -18.51 -1.49
CA ARG A 374 14.67 -19.17 -1.30
C ARG A 374 15.40 -19.38 -2.63
N GLU A 375 14.66 -19.73 -3.68
CA GLU A 375 15.25 -19.92 -4.99
C GLU A 375 15.91 -18.65 -5.51
N SER A 376 15.27 -17.50 -5.28
CA SER A 376 15.74 -16.25 -5.87
C SER A 376 16.47 -15.34 -4.88
N HIS A 377 16.48 -15.72 -3.62
CA HIS A 377 17.03 -14.84 -2.59
C HIS A 377 16.23 -13.53 -2.54
N GLY A 378 14.96 -13.62 -2.88
CA GLY A 378 14.09 -12.45 -2.86
C GLY A 378 14.33 -11.50 -4.01
N ILE A 379 15.34 -11.79 -4.82
CA ILE A 379 15.67 -10.94 -5.98
C ILE A 379 14.61 -11.04 -7.06
N VAL A 380 14.09 -9.89 -7.51
CA VAL A 380 13.11 -9.90 -8.59
C VAL A 380 13.59 -9.07 -9.77
N PRO A 381 13.03 -9.33 -10.96
CA PRO A 381 13.43 -8.61 -12.17
C PRO A 381 13.36 -7.11 -11.96
N GLU A 382 14.24 -6.36 -12.62
CA GLU A 382 14.31 -4.92 -12.42
C GLU A 382 13.95 -4.15 -13.68
N PHE A 383 13.77 -2.84 -13.55
CA PHE A 383 13.57 -1.97 -14.70
C PHE A 383 14.11 -0.59 -14.40
N ILE A 384 14.07 0.27 -15.40
CA ILE A 384 14.46 1.66 -15.22
C ILE A 384 13.56 2.54 -16.09
N ASN A 385 13.16 3.67 -15.55
CA ASN A 385 12.21 4.54 -16.25
C ASN A 385 12.66 5.98 -16.18
N PRO A 386 13.73 6.30 -16.93
CA PRO A 386 14.34 7.63 -16.87
C PRO A 386 13.37 8.70 -17.34
N LYS A 387 13.46 9.89 -16.77
CA LYS A 387 12.68 11.03 -17.23
C LYS A 387 13.58 11.97 -18.03
N TYR A 388 13.22 12.17 -19.29
CA TYR A 388 14.03 12.99 -20.19
C TYR A 388 13.62 14.46 -20.22
N SER A 389 14.59 15.35 -20.39
CA SER A 389 14.35 16.79 -20.41
C SER A 389 13.78 17.23 -21.76
N ASP A 390 14.12 16.49 -22.81
CA ASP A 390 13.67 16.82 -24.16
C ASP A 390 12.95 15.65 -24.82
N GLU A 391 12.26 15.94 -25.91
CA GLU A 391 11.53 14.93 -26.67
C GLU A 391 12.44 13.74 -26.95
N THR A 392 13.50 13.98 -27.72
CA THR A 392 14.40 12.90 -28.11
C THR A 392 15.87 13.30 -28.03
N ARG A 393 16.25 13.80 -26.86
CA ARG A 393 17.65 13.92 -26.50
C ARG A 393 17.84 12.95 -25.33
N ARG A 394 18.88 12.12 -25.40
CA ARG A 394 19.09 11.11 -24.37
C ARG A 394 19.42 11.73 -23.01
N SER A 395 19.33 13.06 -22.94
CA SER A 395 19.68 13.79 -21.73
C SER A 395 18.59 13.67 -20.64
N PHE A 396 19.03 13.34 -19.42
CA PHE A 396 18.12 13.17 -18.29
C PHE A 396 17.73 14.52 -17.66
N LYS A 397 16.45 14.72 -17.40
CA LYS A 397 16.01 15.90 -16.67
C LYS A 397 16.47 15.78 -15.23
N LYS A 398 16.45 14.55 -14.73
CA LYS A 398 16.95 14.23 -13.40
C LYS A 398 17.57 12.83 -13.39
N PRO A 399 18.60 12.64 -12.56
CA PRO A 399 19.26 11.33 -12.46
C PRO A 399 18.24 10.22 -12.29
N ALA A 400 18.49 9.07 -12.90
CA ALA A 400 17.57 7.95 -12.81
C ALA A 400 18.23 6.81 -12.06
N ARG A 401 17.42 5.99 -11.38
CA ARG A 401 17.93 4.79 -10.73
C ARG A 401 17.09 3.59 -11.13
N ILE A 402 17.61 2.41 -10.84
CA ILE A 402 16.94 1.15 -11.16
C ILE A 402 15.81 0.89 -10.17
N GLU A 403 14.69 0.39 -10.65
CA GLU A 403 13.55 0.14 -9.78
C GLU A 403 13.07 -1.31 -9.87
N SER A 404 12.16 -1.67 -8.97
CA SER A 404 11.54 -2.99 -8.93
C SER A 404 10.18 -2.91 -8.28
N LEU A 405 9.29 -3.83 -8.66
CA LEU A 405 7.93 -3.87 -8.14
C LEU A 405 7.74 -5.17 -7.38
N MET A 406 7.10 -5.09 -6.21
CA MET A 406 6.93 -6.27 -5.38
C MET A 406 6.07 -7.33 -6.06
N GLN A 407 5.19 -6.89 -6.96
CA GLN A 407 4.31 -7.83 -7.66
C GLN A 407 5.04 -8.64 -8.75
N ASP A 408 6.22 -8.17 -9.16
CA ASP A 408 6.99 -8.88 -10.19
C ASP A 408 7.56 -10.21 -9.72
N ILE A 409 7.41 -10.51 -8.43
CA ILE A 409 7.77 -11.82 -7.94
C ILE A 409 6.93 -12.88 -8.65
N ALA A 410 5.80 -12.46 -9.21
CA ALA A 410 4.92 -13.36 -9.96
C ALA A 410 5.63 -13.97 -11.17
N LEU A 411 6.73 -13.35 -11.59
CA LEU A 411 7.48 -13.80 -12.75
C LEU A 411 8.27 -15.07 -12.43
N LEU A 412 8.40 -15.36 -11.15
CA LEU A 412 9.16 -16.51 -10.69
C LEU A 412 8.27 -17.72 -10.53
N PHE A 413 6.97 -17.54 -10.79
CA PHE A 413 6.00 -18.62 -10.64
C PHE A 413 5.54 -19.10 -12.01
N SER A 414 6.14 -20.18 -12.50
CA SER A 414 5.78 -20.72 -13.81
C SER A 414 4.40 -21.36 -13.78
N GLU A 415 3.72 -21.36 -14.92
CA GLU A 415 2.42 -22.01 -15.03
C GLU A 415 2.51 -23.53 -14.87
N ASP A 416 3.70 -24.08 -15.09
CA ASP A 416 3.91 -25.51 -14.93
C ASP A 416 3.88 -25.94 -13.47
N ASP A 417 4.50 -25.14 -12.62
CA ASP A 417 4.66 -25.51 -11.21
C ASP A 417 3.65 -24.83 -10.28
N TYR A 418 3.10 -23.70 -10.70
CA TYR A 418 2.27 -22.89 -9.81
C TYR A 418 0.97 -22.38 -10.43
N ARG A 419 0.01 -22.05 -9.58
CA ARG A 419 -1.26 -21.48 -10.01
C ARG A 419 -1.36 -20.02 -9.55
N VAL A 420 -1.10 -19.10 -10.47
CA VAL A 420 -1.23 -17.66 -10.23
C VAL A 420 -2.55 -17.16 -10.83
N GLY A 421 -3.27 -16.34 -10.08
CA GLY A 421 -4.54 -15.84 -10.53
C GLY A 421 -4.96 -14.50 -9.94
N GLY A 422 -6.18 -14.10 -10.23
CA GLY A 422 -6.69 -12.82 -9.78
C GLY A 422 -8.13 -12.90 -9.30
N THR A 423 -8.44 -12.12 -8.27
CA THR A 423 -9.80 -12.02 -7.78
C THR A 423 -10.31 -10.61 -8.02
N VAL A 424 -11.47 -10.50 -8.67
CA VAL A 424 -12.00 -9.20 -9.07
C VAL A 424 -13.08 -8.68 -8.12
N PHE A 425 -12.79 -7.57 -7.46
CA PHE A 425 -13.74 -6.94 -6.56
C PHE A 425 -14.38 -5.72 -7.21
N GLU A 426 -15.33 -5.14 -6.49
CA GLU A 426 -15.95 -3.89 -6.89
C GLU A 426 -14.91 -2.77 -6.79
N ARG A 427 -14.95 -1.83 -7.73
CA ARG A 427 -14.03 -0.71 -7.73
C ARG A 427 -14.09 0.08 -6.42
N PHE A 428 -15.29 0.19 -5.86
CA PHE A 428 -15.48 0.93 -4.63
C PHE A 428 -14.59 0.44 -3.47
N SER A 429 -14.20 -0.83 -3.51
CA SER A 429 -13.39 -1.40 -2.43
C SER A 429 -11.91 -0.98 -2.52
N TYR A 430 -11.56 -0.34 -3.62
CA TYR A 430 -10.22 0.22 -3.82
C TYR A 430 -10.27 1.71 -3.50
N GLN A 431 -9.67 2.09 -2.37
CA GLN A 431 -9.80 3.46 -1.85
C GLN A 431 -8.47 4.13 -1.52
N PRO A 432 -7.53 4.17 -2.47
CA PRO A 432 -6.23 4.75 -2.11
C PRO A 432 -6.30 6.26 -1.91
N VAL A 433 -5.41 6.78 -1.06
CA VAL A 433 -5.21 8.22 -0.97
C VAL A 433 -3.87 8.56 -1.63
N LYS A 434 -3.94 9.02 -2.88
CA LYS A 434 -2.75 9.21 -3.71
C LYS A 434 -2.55 10.61 -4.30
N ASN A 435 -3.64 11.30 -4.62
CA ASN A 435 -3.55 12.57 -5.32
C ASN A 435 -3.84 13.79 -4.44
N SER A 436 -3.16 14.89 -4.75
CA SER A 436 -3.45 16.17 -4.09
C SER A 436 -4.81 16.68 -4.57
N LEU A 437 -5.35 17.66 -3.87
CA LEU A 437 -6.61 18.29 -4.29
C LEU A 437 -6.50 18.87 -5.71
N GLU A 438 -5.35 19.46 -6.02
CA GLU A 438 -5.11 20.03 -7.34
C GLU A 438 -5.14 18.97 -8.44
N GLU A 439 -4.41 17.87 -8.24
CA GLU A 439 -4.43 16.78 -9.22
C GLU A 439 -5.85 16.23 -9.35
N ALA A 440 -6.51 16.06 -8.22
CA ALA A 440 -7.83 15.46 -8.19
C ALA A 440 -8.83 16.25 -9.02
N ALA A 441 -8.75 17.57 -8.92
CA ALA A 441 -9.60 18.45 -9.72
C ALA A 441 -9.28 18.26 -11.20
N GLY A 442 -7.99 18.08 -11.51
CA GLY A 442 -7.56 17.85 -12.86
C GLY A 442 -8.12 16.54 -13.38
N LEU A 443 -7.95 15.49 -12.59
CA LEU A 443 -8.44 14.17 -12.96
C LEU A 443 -9.95 14.19 -13.18
N VAL A 444 -10.67 14.78 -12.23
CA VAL A 444 -12.13 14.79 -12.26
C VAL A 444 -12.68 15.54 -13.47
N ALA A 445 -11.99 16.60 -13.88
CA ALA A 445 -12.40 17.35 -15.06
C ALA A 445 -12.31 16.49 -16.33
N GLN A 446 -11.45 15.47 -16.27
CA GLN A 446 -11.29 14.54 -17.38
C GLN A 446 -12.20 13.33 -17.19
N GLY A 447 -12.99 13.35 -16.11
CA GLY A 447 -13.89 12.26 -15.81
C GLY A 447 -13.24 11.11 -15.06
N ASN A 448 -12.03 11.32 -14.56
CA ASN A 448 -11.28 10.27 -13.90
C ASN A 448 -11.41 10.27 -12.37
N GLY A 449 -10.96 9.19 -11.75
CA GLY A 449 -11.03 9.04 -10.30
C GLY A 449 -10.11 10.00 -9.57
N ALA A 450 -10.63 10.60 -8.50
CA ALA A 450 -9.88 11.59 -7.74
C ALA A 450 -8.79 10.95 -6.87
N TYR A 451 -9.17 9.88 -6.18
CA TYR A 451 -8.24 9.18 -5.28
C TYR A 451 -7.45 10.12 -4.41
N CYS A 452 -8.15 11.06 -3.79
CA CYS A 452 -7.54 12.06 -2.94
C CYS A 452 -8.01 11.85 -1.50
N ALA A 453 -7.53 12.69 -0.58
CA ALA A 453 -7.88 12.53 0.81
C ALA A 453 -9.39 12.72 1.09
N ALA A 454 -10.04 13.63 0.35
CA ALA A 454 -11.47 13.86 0.51
C ALA A 454 -12.30 12.64 0.14
N THR A 455 -11.94 12.01 -0.98
CA THR A 455 -12.70 10.87 -1.47
C THR A 455 -12.36 9.61 -0.69
N GLY A 456 -11.13 9.54 -0.18
CA GLY A 456 -10.72 8.45 0.70
C GLY A 456 -11.53 8.46 1.99
N GLU A 457 -11.62 9.61 2.64
CA GLU A 457 -12.39 9.70 3.88
C GLU A 457 -13.88 9.45 3.60
N ALA A 458 -14.41 10.08 2.56
CA ALA A 458 -15.81 9.87 2.19
C ALA A 458 -16.10 8.39 1.86
N ALA A 459 -15.17 7.73 1.17
CA ALA A 459 -15.36 6.33 0.82
C ALA A 459 -15.37 5.45 2.06
N PHE A 460 -14.56 5.81 3.05
CA PHE A 460 -14.54 5.04 4.28
C PHE A 460 -15.90 5.08 5.00
N TYR A 461 -16.45 6.28 5.20
CA TYR A 461 -17.76 6.41 5.83
C TYR A 461 -18.83 5.62 5.08
N GLU A 462 -18.80 5.72 3.75
CA GLU A 462 -19.81 5.07 2.91
C GLU A 462 -19.67 3.56 2.98
N LEU A 463 -18.44 3.07 3.10
CA LEU A 463 -18.19 1.64 3.23
C LEU A 463 -18.84 1.07 4.48
N GLN A 464 -18.63 1.74 5.63
CA GLN A 464 -19.26 1.27 6.87
C GLN A 464 -20.77 1.21 6.68
N ARG A 465 -21.33 2.20 6.00
CA ARG A 465 -22.77 2.29 5.81
C ARG A 465 -23.31 1.17 4.92
N ARG A 466 -22.59 0.84 3.84
CA ARG A 466 -22.99 -0.24 2.94
C ARG A 466 -22.95 -1.59 3.65
N ARG A 467 -21.92 -1.77 4.46
CA ARG A 467 -21.73 -3.00 5.21
C ARG A 467 -22.85 -3.17 6.24
N LEU A 468 -23.13 -2.11 6.98
CA LEU A 468 -24.18 -2.14 8.00
C LEU A 468 -25.58 -2.35 7.42
N LYS A 469 -25.87 -1.72 6.29
CA LYS A 469 -27.17 -1.95 5.66
C LYS A 469 -27.26 -3.40 5.17
N ALA A 470 -26.11 -4.01 4.90
CA ALA A 470 -26.09 -5.37 4.41
C ALA A 470 -26.64 -6.35 5.46
N ILE A 471 -26.46 -6.01 6.73
CA ILE A 471 -27.00 -6.83 7.81
C ILE A 471 -28.37 -6.32 8.28
N GLY A 472 -28.94 -5.38 7.53
CA GLY A 472 -30.29 -4.93 7.80
C GLY A 472 -30.44 -3.67 8.62
N LEU A 473 -29.34 -2.98 8.90
CA LEU A 473 -29.48 -1.70 9.58
C LEU A 473 -30.16 -0.71 8.63
N PRO A 474 -31.29 -0.11 9.07
CA PRO A 474 -32.05 0.75 8.15
C PRO A 474 -31.49 2.17 8.11
N LEU A 475 -30.47 2.40 7.28
CA LEU A 475 -29.92 3.72 7.11
C LEU A 475 -30.55 4.42 5.91
N PHE A 476 -31.24 5.52 6.16
CA PHE A 476 -31.72 6.37 5.08
C PHE A 476 -30.90 7.65 5.02
N TYR A 477 -30.35 7.94 3.84
CA TYR A 477 -29.55 9.16 3.70
C TYR A 477 -29.44 9.61 2.26
N SER A 478 -29.32 10.91 2.10
CA SER A 478 -29.19 11.57 0.81
C SER A 478 -27.92 11.09 0.12
N SER A 479 -27.96 11.07 -1.21
CA SER A 479 -26.74 10.78 -1.96
C SER A 479 -26.05 12.07 -2.43
N GLN A 480 -26.58 13.22 -2.00
CA GLN A 480 -26.01 14.52 -2.41
C GLN A 480 -24.77 14.87 -1.61
N PRO A 481 -23.80 15.55 -2.26
CA PRO A 481 -22.61 15.97 -1.51
C PRO A 481 -22.97 17.03 -0.48
N GLU A 482 -22.24 17.07 0.63
CA GLU A 482 -22.52 18.02 1.69
C GLU A 482 -21.50 19.15 1.72
N VAL A 483 -20.41 19.00 0.99
CA VAL A 483 -19.36 20.01 0.96
C VAL A 483 -18.66 19.93 -0.39
N THR A 484 -18.22 21.06 -0.90
CA THR A 484 -17.43 21.07 -2.14
C THR A 484 -15.97 21.40 -1.86
N VAL A 485 -15.08 20.75 -2.60
CA VAL A 485 -13.65 20.95 -2.41
C VAL A 485 -12.96 21.29 -3.72
N ALA A 486 -11.74 21.78 -3.64
CA ALA A 486 -10.97 22.17 -4.83
C ALA A 486 -11.71 23.17 -5.70
N LYS A 487 -12.08 24.32 -5.13
CA LYS A 487 -12.70 25.41 -5.88
C LYS A 487 -13.95 25.01 -6.67
N ASP A 488 -14.94 24.43 -5.97
CA ASP A 488 -16.19 24.01 -6.60
C ASP A 488 -15.98 23.00 -7.74
N ALA A 489 -14.90 22.22 -7.68
CA ALA A 489 -14.64 21.22 -8.70
C ALA A 489 -15.55 20.00 -8.51
N PHE A 490 -15.50 19.40 -7.32
CA PHE A 490 -16.40 18.31 -6.98
C PHE A 490 -16.79 18.38 -5.51
N GLY A 491 -17.82 17.65 -5.13
CA GLY A 491 -18.23 17.55 -3.75
C GLY A 491 -18.19 16.11 -3.23
N VAL A 492 -18.17 15.98 -1.91
CA VAL A 492 -18.31 14.68 -1.27
C VAL A 492 -19.32 14.83 -0.14
N ARG A 493 -19.88 13.71 0.32
CA ARG A 493 -20.62 13.72 1.57
C ARG A 493 -19.93 12.82 2.59
N LEU A 494 -20.18 13.10 3.87
CA LEU A 494 -19.56 12.34 4.94
C LEU A 494 -20.59 11.61 5.79
N PHE A 495 -21.72 12.27 6.05
CA PHE A 495 -22.70 11.79 7.01
C PHE A 495 -23.72 10.81 6.40
N PRO A 496 -24.28 9.93 7.24
CA PRO A 496 -23.98 9.80 8.66
C PRO A 496 -22.65 9.09 8.91
N ILE A 497 -21.94 9.51 9.96
CA ILE A 497 -20.64 8.94 10.30
C ILE A 497 -20.81 7.85 11.36
N ILE A 498 -20.41 6.63 11.01
CA ILE A 498 -20.46 5.50 11.92
C ILE A 498 -19.11 4.78 11.91
N VAL A 499 -18.39 4.86 13.02
CA VAL A 499 -17.09 4.20 13.10
C VAL A 499 -17.00 3.29 14.33
N LEU A 500 -16.89 1.99 14.07
CA LEU A 500 -16.80 0.99 15.15
C LEU A 500 -15.37 0.53 15.26
N ASP A 501 -14.81 0.53 16.47
CA ASP A 501 -13.41 0.14 16.60
C ASP A 501 -13.23 -1.38 16.52
N THR A 502 -11.99 -1.87 16.53
CA THR A 502 -11.77 -3.31 16.30
C THR A 502 -12.26 -4.19 17.44
N VAL A 503 -12.27 -3.66 18.66
CA VAL A 503 -12.81 -4.43 19.76
C VAL A 503 -14.31 -4.60 19.53
N CYS A 504 -14.96 -3.50 19.11
CA CYS A 504 -16.39 -3.53 18.88
C CYS A 504 -16.76 -4.45 17.72
N ALA A 505 -16.10 -4.24 16.59
CA ALA A 505 -16.54 -4.87 15.34
C ALA A 505 -15.69 -6.09 14.98
N SER A 506 -14.69 -6.38 15.79
CA SER A 506 -13.85 -7.54 15.56
C SER A 506 -13.24 -7.50 14.15
N SER A 507 -13.40 -8.57 13.38
CA SER A 507 -12.79 -8.65 12.05
C SER A 507 -13.49 -7.75 11.02
N GLY A 508 -14.72 -7.35 11.32
CA GLY A 508 -15.48 -6.52 10.40
C GLY A 508 -16.31 -7.33 9.42
N SER A 509 -16.34 -8.65 9.61
CA SER A 509 -17.22 -9.49 8.79
C SER A 509 -18.67 -9.09 9.04
N LEU A 510 -19.54 -9.38 8.09
CA LEU A 510 -20.97 -9.14 8.27
C LEU A 510 -21.52 -9.82 9.54
N ASP A 511 -21.10 -11.07 9.77
CA ASP A 511 -21.46 -11.76 11.01
C ASP A 511 -20.98 -10.99 12.25
N ASP A 512 -19.76 -10.47 12.18
CA ASP A 512 -19.21 -9.68 13.28
C ASP A 512 -20.00 -8.39 13.51
N LEU A 513 -20.48 -7.78 12.43
CA LEU A 513 -21.25 -6.55 12.55
C LEU A 513 -22.65 -6.87 13.09
N ALA A 514 -23.15 -8.05 12.73
CA ALA A 514 -24.45 -8.49 13.23
C ALA A 514 -24.44 -8.70 14.74
N ARG A 515 -23.25 -8.88 15.31
N ARG A 515 -23.26 -8.90 15.31
CA ARG A 515 -23.12 -9.07 16.75
CA ARG A 515 -23.15 -9.07 16.76
C ARG A 515 -23.29 -7.75 17.48
C ARG A 515 -23.28 -7.75 17.49
N VAL A 516 -22.91 -6.66 16.82
CA VAL A 516 -23.09 -5.33 17.38
C VAL A 516 -24.54 -4.89 17.29
N PHE A 517 -25.20 -5.23 16.19
CA PHE A 517 -26.61 -4.90 16.01
C PHE A 517 -27.49 -6.15 15.86
N PRO A 518 -27.76 -6.85 16.96
CA PRO A 518 -28.51 -8.11 16.92
C PRO A 518 -29.98 -7.95 16.50
N THR A 519 -30.54 -6.76 16.64
CA THR A 519 -31.89 -6.46 16.20
C THR A 519 -31.89 -5.12 15.45
N PRO A 520 -31.26 -5.10 14.27
CA PRO A 520 -30.95 -3.85 13.57
C PRO A 520 -32.17 -3.00 13.21
N GLU A 521 -33.36 -3.62 13.16
CA GLU A 521 -34.57 -2.90 12.82
C GLU A 521 -34.99 -1.87 13.88
N LYS A 522 -34.37 -1.93 15.05
CA LYS A 522 -34.73 -1.04 16.16
C LYS A 522 -33.67 0.03 16.37
N VAL A 523 -32.78 0.17 15.39
CA VAL A 523 -31.71 1.15 15.50
C VAL A 523 -31.89 2.19 14.39
N HIS A 524 -32.19 3.41 14.79
CA HIS A 524 -32.55 4.46 13.85
C HIS A 524 -31.58 5.62 13.93
N ILE A 525 -30.64 5.61 13.00
CA ILE A 525 -29.58 6.62 12.96
C ILE A 525 -29.91 7.63 11.87
N ASP A 526 -30.23 8.85 12.28
CA ASP A 526 -30.53 9.91 11.31
C ASP A 526 -29.32 10.22 10.43
N GLN A 527 -29.62 10.63 9.20
CA GLN A 527 -28.60 10.90 8.18
C GLN A 527 -27.53 11.93 8.57
N HIS A 528 -27.83 12.81 9.54
CA HIS A 528 -26.88 13.85 9.95
C HIS A 528 -26.10 13.46 11.20
N SER A 529 -26.33 12.23 11.68
CA SER A 529 -25.79 11.77 12.96
C SER A 529 -24.34 11.29 12.89
N THR A 530 -23.73 11.19 14.08
CA THR A 530 -22.40 10.63 14.25
C THR A 530 -22.44 9.58 15.35
N LEU A 531 -22.08 8.35 15.01
CA LEU A 531 -22.01 7.26 16.00
C LEU A 531 -20.60 6.69 16.07
N ILE A 532 -19.96 6.86 17.23
CA ILE A 532 -18.62 6.33 17.45
C ILE A 532 -18.73 5.26 18.54
N VAL A 533 -18.23 4.06 18.25
CA VAL A 533 -18.32 2.96 19.21
C VAL A 533 -16.96 2.32 19.49
N GLU A 534 -16.63 2.22 20.77
CA GLU A 534 -15.36 1.67 21.20
C GLU A 534 -15.56 0.57 22.24
N GLY A 535 -14.85 -0.54 22.07
CA GLY A 535 -14.88 -1.61 23.05
C GLY A 535 -16.01 -2.59 22.85
N ARG A 536 -16.26 -3.39 23.88
CA ARG A 536 -17.27 -4.43 23.84
C ARG A 536 -18.67 -3.84 23.99
N VAL A 537 -19.31 -3.58 22.85
CA VAL A 537 -20.62 -2.93 22.85
C VAL A 537 -21.64 -3.67 21.97
N ILE A 538 -22.85 -3.82 22.50
CA ILE A 538 -23.97 -4.35 21.74
C ILE A 538 -25.04 -3.27 21.73
N ILE A 539 -25.52 -2.91 20.55
CA ILE A 539 -26.61 -1.94 20.43
C ILE A 539 -27.88 -2.62 19.93
N GLU A 540 -28.82 -2.81 20.85
CA GLU A 540 -30.08 -3.48 20.51
C GLU A 540 -31.10 -2.50 19.94
N SER A 541 -31.21 -1.34 20.57
CA SER A 541 -32.20 -0.36 20.17
C SER A 541 -31.71 1.05 20.49
N LEU A 542 -31.91 1.95 19.55
CA LEU A 542 -31.33 3.28 19.64
C LEU A 542 -32.04 4.25 18.70
N GLU A 543 -32.25 5.46 19.16
CA GLU A 543 -32.73 6.53 18.31
C GLU A 543 -31.71 7.64 18.41
N LEU A 544 -31.01 7.91 17.30
CA LEU A 544 -29.91 8.88 17.32
C LEU A 544 -30.08 10.03 16.34
N TYR A 545 -30.20 11.23 16.90
CA TYR A 545 -30.28 12.48 16.16
C TYR A 545 -29.24 13.43 16.71
N GLY A 546 -27.99 13.23 16.32
CA GLY A 546 -26.90 13.98 16.90
C GLY A 546 -25.65 13.13 16.91
N ALA A 547 -24.74 13.41 17.83
CA ALA A 547 -23.49 12.67 17.91
C ALA A 547 -23.43 11.92 19.22
N LEU A 548 -22.94 10.68 19.16
CA LEU A 548 -22.90 9.81 20.31
C LEU A 548 -21.65 8.94 20.28
N THR A 549 -20.94 8.92 21.39
CA THR A 549 -19.86 7.95 21.57
C THR A 549 -20.29 6.94 22.64
N ILE A 550 -20.19 5.67 22.32
CA ILE A 550 -20.49 4.60 23.26
C ILE A 550 -19.23 3.79 23.54
N ARG A 551 -18.85 3.69 24.81
CA ARG A 551 -17.64 2.96 25.17
C ARG A 551 -17.95 1.72 26.00
N GLY A 552 -17.31 0.61 25.65
CA GLY A 552 -17.41 -0.62 26.42
C GLY A 552 -16.04 -1.06 26.88
N PRO A 553 -15.96 -2.22 27.54
CA PRO A 553 -14.70 -2.78 28.03
C PRO A 553 -13.67 -2.99 26.92
N THR A 554 -12.47 -2.44 27.09
CA THR A 554 -11.40 -2.62 26.11
C THR A 554 -11.08 -4.09 25.97
N ASP A 555 -11.25 -4.83 27.06
CA ASP A 555 -11.08 -6.27 27.06
C ASP A 555 -12.15 -6.91 26.18
N SER A 556 -11.71 -7.57 25.11
CA SER A 556 -12.64 -8.20 24.17
C SER A 556 -13.38 -9.41 24.77
N MET A 557 -12.87 -9.91 25.90
CA MET A 557 -13.50 -11.04 26.56
C MET A 557 -14.30 -10.63 27.78
N ALA A 558 -14.61 -9.34 27.88
CA ALA A 558 -15.37 -8.83 29.02
C ALA A 558 -16.87 -8.80 28.74
N LEU A 559 -17.66 -8.64 29.79
CA LEU A 559 -19.12 -8.49 29.66
C LEU A 559 -19.44 -7.22 28.88
N PRO A 560 -20.13 -7.36 27.75
CA PRO A 560 -20.36 -6.22 26.85
C PRO A 560 -21.36 -5.21 27.41
N HIS A 561 -21.07 -3.93 27.20
CA HIS A 561 -22.02 -2.87 27.52
C HIS A 561 -23.15 -2.92 26.48
N VAL A 562 -24.37 -3.12 26.98
CA VAL A 562 -25.54 -3.29 26.12
C VAL A 562 -26.41 -2.04 26.14
N VAL A 563 -26.80 -1.58 24.96
CA VAL A 563 -27.61 -0.38 24.85
C VAL A 563 -29.01 -0.71 24.38
N ARG A 564 -29.99 -0.40 25.21
CA ARG A 564 -31.39 -0.64 24.89
C ARG A 564 -32.19 0.64 25.08
N ASN A 565 -33.19 0.83 24.23
CA ASN A 565 -34.11 1.95 24.38
C ASN A 565 -33.44 3.31 24.57
N ALA A 566 -32.27 3.47 23.96
CA ALA A 566 -31.56 4.75 24.03
C ALA A 566 -32.17 5.77 23.09
N VAL A 567 -32.26 7.01 23.56
CA VAL A 567 -32.74 8.12 22.74
C VAL A 567 -31.79 9.29 22.95
N VAL A 568 -31.10 9.67 21.88
CA VAL A 568 -30.09 10.70 21.97
C VAL A 568 -30.33 11.78 20.92
N ARG A 569 -30.49 13.01 21.38
CA ARG A 569 -30.68 14.14 20.49
C ARG A 569 -29.76 15.28 20.93
N ASN A 570 -28.96 15.79 20.01
CA ASN A 570 -28.13 16.95 20.28
C ASN A 570 -27.74 17.62 18.97
N ALA A 571 -26.95 18.68 19.04
CA ALA A 571 -26.60 19.47 17.86
C ALA A 571 -25.72 18.68 16.88
N GLY A 572 -25.01 17.69 17.40
CA GLY A 572 -24.18 16.84 16.56
C GLY A 572 -22.99 17.53 15.93
N TRP A 573 -22.59 17.04 14.77
CA TRP A 573 -21.44 17.55 14.04
C TRP A 573 -21.88 18.16 12.73
N SER A 574 -21.01 18.99 12.14
CA SER A 574 -21.20 19.45 10.77
C SER A 574 -19.88 19.42 10.02
N VAL A 575 -19.94 19.65 8.72
CA VAL A 575 -18.73 19.79 7.93
C VAL A 575 -18.87 21.04 7.07
N HIS A 576 -17.77 21.75 6.89
CA HIS A 576 -17.78 22.87 5.95
C HIS A 576 -16.44 22.98 5.25
N ALA A 577 -16.47 23.64 4.11
CA ALA A 577 -15.32 23.74 3.23
C ALA A 577 -14.31 24.73 3.79
N ILE A 578 -13.05 24.51 3.44
CA ILE A 578 -12.01 25.46 3.78
C ILE A 578 -12.00 26.51 2.69
N LEU A 579 -12.19 27.76 3.09
CA LEU A 579 -12.35 28.84 2.13
C LEU A 579 -11.03 29.39 1.65
N SER A 580 -11.02 29.89 0.42
CA SER A 580 -9.83 30.48 -0.18
C SER A 580 -9.29 31.62 0.68
N LEU A 581 -10.20 32.43 1.21
CA LEU A 581 -9.79 33.54 2.07
C LEU A 581 -9.57 33.07 3.51
N CYS A 582 -8.54 32.23 3.69
CA CYS A 582 -8.14 31.81 5.02
C CYS A 582 -6.71 32.27 5.31
N ALA A 583 -6.55 33.04 6.37
CA ALA A 583 -5.25 33.62 6.71
C ALA A 583 -4.20 32.55 7.04
N GLY A 584 -4.66 31.45 7.60
CA GLY A 584 -3.76 30.39 8.03
C GLY A 584 -2.98 30.81 9.27
N ARG A 585 -3.24 32.04 9.70
CA ARG A 585 -2.58 32.59 10.90
C ARG A 585 -3.49 32.42 12.11
N ASP A 586 -2.93 31.95 13.22
CA ASP A 586 -3.70 31.64 14.42
C ASP A 586 -4.80 30.64 14.11
N SER A 587 -4.62 29.90 13.02
CA SER A 587 -5.58 28.89 12.60
C SER A 587 -5.00 27.51 12.84
N ARG A 588 -5.74 26.65 13.52
CA ARG A 588 -5.30 25.29 13.75
C ARG A 588 -5.58 24.40 12.54
N LEU A 589 -5.68 25.03 11.37
CA LEU A 589 -5.77 24.29 10.11
C LEU A 589 -4.40 23.71 9.76
N SER A 590 -4.34 22.38 9.73
CA SER A 590 -3.12 21.67 9.45
C SER A 590 -3.13 21.16 8.03
N GLU A 591 -2.00 20.60 7.59
CA GLU A 591 -1.94 19.96 6.28
C GLU A 591 -3.00 18.90 6.15
N VAL A 592 -3.25 18.16 7.24
CA VAL A 592 -4.28 17.11 7.21
C VAL A 592 -5.64 17.65 6.79
N ASP A 593 -6.00 18.83 7.30
CA ASP A 593 -7.23 19.48 6.90
C ASP A 593 -7.14 19.94 5.44
N ARG A 594 -6.08 20.67 5.12
CA ARG A 594 -5.98 21.29 3.80
C ARG A 594 -5.96 20.30 2.63
N ILE A 595 -5.44 19.09 2.83
CA ILE A 595 -5.36 18.14 1.73
C ILE A 595 -6.70 17.49 1.43
N ARG A 596 -7.68 17.67 2.31
CA ARG A 596 -9.02 17.18 2.01
C ARG A 596 -9.98 18.32 1.68
N GLY A 597 -9.63 19.54 2.10
CA GLY A 597 -10.39 20.73 1.72
C GLY A 597 -11.64 21.01 2.54
N PHE A 598 -11.83 20.26 3.61
CA PHE A 598 -12.94 20.53 4.53
C PHE A 598 -12.51 20.26 5.97
N VAL A 599 -13.37 20.62 6.92
CA VAL A 599 -13.13 20.34 8.30
C VAL A 599 -14.43 19.96 8.98
N LEU A 600 -14.39 18.90 9.77
CA LEU A 600 -15.52 18.54 10.60
C LEU A 600 -15.56 19.49 11.80
N LYS A 601 -16.75 19.97 12.13
CA LYS A 601 -16.97 20.69 13.37
C LYS A 601 -17.65 19.76 14.37
N LYS A 602 -16.93 19.44 15.43
CA LYS A 602 -17.38 18.47 16.42
C LYS A 602 -18.07 19.19 17.56
N THR A 603 -19.21 19.78 17.23
CA THR A 603 -19.90 20.73 18.10
C THR A 603 -20.44 20.12 19.39
N ALA A 604 -21.21 19.05 19.27
CA ALA A 604 -21.76 18.37 20.44
C ALA A 604 -21.49 16.88 20.39
N MET A 605 -21.54 16.23 21.55
CA MET A 605 -21.29 14.81 21.63
C MET A 605 -21.79 14.24 22.96
N ALA A 606 -22.72 13.30 22.87
CA ALA A 606 -23.14 12.56 24.06
C ALA A 606 -22.19 11.37 24.22
N VAL A 607 -21.94 11.00 25.47
CA VAL A 607 -21.06 9.88 25.78
C VAL A 607 -21.74 8.91 26.74
N MET A 608 -21.87 7.66 26.32
CA MET A 608 -22.37 6.59 27.19
C MET A 608 -21.22 5.64 27.54
N ASP A 609 -20.81 5.65 28.80
CA ASP A 609 -19.72 4.81 29.28
C ASP A 609 -20.22 3.53 29.96
N CYS A 610 -19.30 2.87 30.68
CA CYS A 610 -19.58 1.65 31.45
C CYS A 610 -19.50 0.38 30.59
#